data_4DAV
#
_entry.id   4DAV
#
_cell.length_a   80.700
_cell.length_b   42.690
_cell.length_c   88.900
_cell.angle_alpha   90.00
_cell.angle_beta   104.92
_cell.angle_gamma   90.00
#
_symmetry.space_group_name_H-M   'P 1 21 1'
#
loop_
_entity.id
_entity.type
_entity.pdbx_description
1 polymer 'Sugar fermentation stimulation protein homolog'
2 polymer "5'-D(*CP*GP*CP*TP*GP*TP*CP*TP*CP*GP*CP*T)-3'"
3 water water
#
loop_
_entity_poly.entity_id
_entity_poly.type
_entity_poly.pdbx_seq_one_letter_code
_entity_poly.pdbx_strand_id
1 'polypeptide(L)'
;AMKLMEVSPLFPCIFLRRVNRFVGLVRIKERIERALITNTGRLNEFMIPGRIGYCTPKAGGKTRYILLGFEDHGKIAIID
TRLQGKAFEKIIEKELLPELEGCRIIKREPRVGESRLDYLIECSKGEIFVETKSAVLREGEYAMYPDCPSVRGQRHIKEL
IKLARDGKRAMIVFIGALPNVSKFKPYKKGDPKIAELLKEALEAGVEIRALGLHMELSGEIIYRGELGVEI
;
A,B
2 'polydeoxyribonucleotide' (DC)(DG)(DC)(DT)(DG)(DT)(DC)(DT)(DC)(DG)(DC)(DT) X,D
#
# COMPACT_ATOMS: atom_id res chain seq x y z
N ALA A 1 41.54 4.80 -3.35
CA ALA A 1 41.07 4.92 -4.77
C ALA A 1 40.82 3.54 -5.42
N MET A 2 39.70 2.91 -5.05
CA MET A 2 39.25 1.68 -5.72
C MET A 2 38.12 1.97 -6.72
N LYS A 3 38.14 1.23 -7.84
CA LYS A 3 37.04 1.26 -8.83
C LYS A 3 35.85 0.42 -8.36
N LEU A 4 34.70 1.07 -8.15
CA LEU A 4 33.51 0.38 -7.64
C LEU A 4 32.65 -0.25 -8.74
N MET A 5 32.52 0.46 -9.86
CA MET A 5 31.58 0.11 -10.93
C MET A 5 31.67 1.17 -12.02
N GLU A 6 31.01 0.91 -13.15
CA GLU A 6 30.96 1.84 -14.27
C GLU A 6 29.53 2.10 -14.73
N VAL A 7 29.27 3.35 -15.08
CA VAL A 7 27.99 3.74 -15.65
C VAL A 7 28.20 3.87 -17.15
N SER A 8 27.44 3.11 -17.92
CA SER A 8 27.50 3.15 -19.39
C SER A 8 26.09 3.18 -20.01
N PRO A 9 25.91 3.97 -21.09
CA PRO A 9 26.79 5.02 -21.54
C PRO A 9 26.57 6.27 -20.68
N LEU A 10 27.50 7.23 -20.74
CA LEU A 10 27.41 8.46 -19.96
C LEU A 10 27.64 9.68 -20.85
N PHE A 11 26.63 10.54 -20.93
CA PHE A 11 26.65 11.70 -21.81
C PHE A 11 26.69 13.04 -21.07
N PRO A 12 27.64 13.89 -21.46
CA PRO A 12 27.63 15.30 -21.13
C PRO A 12 26.36 15.99 -21.61
N CYS A 13 25.79 16.82 -20.76
CA CYS A 13 24.65 17.63 -21.16
C CYS A 13 24.84 19.04 -20.62
N ILE A 14 24.12 19.98 -21.20
CA ILE A 14 23.99 21.31 -20.60
C ILE A 14 22.64 21.35 -19.88
N PHE A 15 22.70 21.65 -18.59
CA PHE A 15 21.51 21.86 -17.77
C PHE A 15 20.86 23.18 -18.14
N LEU A 16 19.54 23.16 -18.35
CA LEU A 16 18.78 24.34 -18.72
C LEU A 16 17.97 24.83 -17.55
N ARG A 17 17.13 23.94 -17.00
CA ARG A 17 16.32 24.26 -15.82
C ARG A 17 15.57 23.04 -15.28
N ARG A 18 15.09 23.16 -14.06
CA ARG A 18 14.18 22.18 -13.46
C ARG A 18 12.74 22.50 -13.79
N VAL A 19 12.01 21.48 -14.24
CA VAL A 19 10.61 21.60 -14.53
C VAL A 19 9.89 21.44 -13.21
N ASN A 20 10.41 20.51 -12.41
CA ASN A 20 9.89 20.23 -11.08
C ASN A 20 10.97 19.47 -10.31
N ARG A 21 10.65 19.05 -9.10
CA ARG A 21 11.65 18.42 -8.23
C ARG A 21 12.18 17.09 -8.80
N PHE A 22 11.41 16.41 -9.68
CA PHE A 22 11.83 15.12 -10.26
C PHE A 22 12.37 15.19 -11.71
N VAL A 23 12.26 16.33 -12.37
CA VAL A 23 12.58 16.44 -13.80
C VAL A 23 13.37 17.71 -14.11
N GLY A 24 14.52 17.56 -14.75
CA GLY A 24 15.29 18.67 -15.30
C GLY A 24 15.26 18.60 -16.82
N LEU A 25 15.33 19.77 -17.48
CA LEU A 25 15.51 19.83 -18.94
C LEU A 25 16.96 20.04 -19.18
N VAL A 26 17.52 19.24 -20.08
CA VAL A 26 18.93 19.27 -20.42
C VAL A 26 19.06 19.31 -21.92
N ARG A 27 20.19 19.83 -22.41
CA ARG A 27 20.44 19.79 -23.83
C ARG A 27 21.51 18.74 -24.09
N ILE A 28 21.16 17.73 -24.88
CA ILE A 28 22.10 16.71 -25.31
C ILE A 28 22.13 16.68 -26.84
N LYS A 29 23.29 16.94 -27.44
CA LYS A 29 23.47 16.84 -28.89
C LYS A 29 22.45 17.70 -29.63
N GLU A 30 22.43 19.01 -29.38
CA GLU A 30 21.45 19.89 -30.01
C GLU A 30 19.98 19.63 -29.61
N ARG A 31 19.65 18.49 -29.01
CA ARG A 31 18.24 18.21 -28.62
C ARG A 31 17.94 18.55 -27.16
N ILE A 32 16.74 19.05 -26.90
CA ILE A 32 16.23 19.27 -25.54
C ILE A 32 15.51 18.00 -25.04
N GLU A 33 15.93 17.48 -23.90
CA GLU A 33 15.45 16.22 -23.37
C GLU A 33 15.08 16.36 -21.90
N ARG A 34 14.19 15.47 -21.45
CA ARG A 34 13.75 15.43 -20.06
C ARG A 34 14.54 14.39 -19.27
N ALA A 35 15.04 14.78 -18.11
CA ALA A 35 15.94 13.93 -17.31
C ALA A 35 15.41 13.79 -15.91
N LEU A 36 15.35 12.55 -15.45
CA LEU A 36 14.90 12.21 -14.10
C LEU A 36 15.88 12.74 -13.08
N ILE A 37 15.36 13.30 -11.99
CA ILE A 37 16.18 13.75 -10.90
C ILE A 37 15.71 12.98 -9.68
N THR A 38 16.65 12.29 -9.05
CA THR A 38 16.41 11.50 -7.85
C THR A 38 17.31 12.02 -6.72
N ASN A 39 16.80 13.05 -6.07
CA ASN A 39 17.49 13.78 -5.00
C ASN A 39 16.53 14.90 -4.60
N THR A 40 15.87 14.79 -3.46
CA THR A 40 14.85 15.79 -3.10
C THR A 40 15.45 17.15 -2.71
N GLY A 41 16.71 17.14 -2.27
CA GLY A 41 17.43 18.37 -1.95
C GLY A 41 17.34 19.46 -2.99
N ARG A 42 17.67 20.67 -2.59
CA ARG A 42 17.55 21.82 -3.48
C ARG A 42 18.64 21.83 -4.53
N LEU A 43 19.87 21.47 -4.17
CA LEU A 43 20.99 21.42 -5.14
C LEU A 43 21.17 22.73 -5.91
N ASN A 44 20.74 23.84 -5.29
CA ASN A 44 20.83 25.17 -5.89
C ASN A 44 22.25 25.48 -6.36
N GLU A 45 23.26 25.00 -5.63
CA GLU A 45 24.65 25.16 -6.07
C GLU A 45 25.00 24.38 -7.37
N PHE A 46 24.19 23.39 -7.73
CA PHE A 46 24.42 22.63 -8.96
C PHE A 46 23.45 23.01 -10.07
N MET A 47 22.19 23.27 -9.70
CA MET A 47 21.09 23.34 -10.67
C MET A 47 20.94 24.76 -11.26
N ILE A 48 21.99 25.18 -11.98
CA ILE A 48 22.13 26.52 -12.52
C ILE A 48 22.11 26.47 -14.06
N PRO A 49 21.22 27.23 -14.70
CA PRO A 49 21.22 27.13 -16.17
C PRO A 49 22.63 27.24 -16.75
N GLY A 50 23.01 26.28 -17.59
CA GLY A 50 24.32 26.34 -18.28
C GLY A 50 25.42 25.41 -17.80
N ARG A 51 25.30 24.91 -16.57
CA ARG A 51 26.33 24.04 -16.02
C ARG A 51 26.30 22.70 -16.76
N ILE A 52 27.46 22.07 -16.82
CA ILE A 52 27.60 20.82 -17.52
C ILE A 52 27.18 19.71 -16.58
N GLY A 53 26.17 18.96 -17.01
CA GLY A 53 25.74 17.77 -16.30
C GLY A 53 26.13 16.48 -17.03
N TYR A 54 25.85 15.35 -16.38
CA TYR A 54 26.08 14.04 -17.03
C TYR A 54 24.84 13.15 -16.86
N CYS A 55 24.36 12.61 -18.00
CA CYS A 55 23.11 11.83 -18.09
C CYS A 55 23.37 10.42 -18.62
N THR A 56 22.41 9.52 -18.42
CA THR A 56 22.43 8.21 -19.06
C THR A 56 21.02 7.90 -19.53
N PRO A 57 20.87 7.29 -20.72
CA PRO A 57 19.53 6.99 -21.22
C PRO A 57 18.84 5.87 -20.44
N LYS A 58 17.51 5.83 -20.45
CA LYS A 58 16.79 4.65 -19.96
C LYS A 58 15.62 4.43 -20.85
N ALA A 59 15.06 3.22 -20.78
CA ALA A 59 13.86 2.87 -21.54
C ALA A 59 12.56 3.21 -20.78
N GLY A 60 11.56 3.69 -21.49
CA GLY A 60 10.22 3.91 -20.93
C GLY A 60 10.10 5.09 -19.96
N GLY A 61 8.90 5.22 -19.39
CA GLY A 61 8.57 6.29 -18.45
C GLY A 61 8.34 7.62 -19.12
N LYS A 62 8.21 8.67 -18.31
CA LYS A 62 8.00 10.02 -18.84
C LYS A 62 9.31 10.80 -19.08
N THR A 63 10.44 10.20 -18.73
CA THR A 63 11.76 10.78 -19.02
C THR A 63 12.59 9.75 -19.79
N ARG A 64 13.45 10.25 -20.68
CA ARG A 64 14.35 9.42 -21.50
C ARG A 64 15.75 9.33 -20.95
N TYR A 65 16.06 10.14 -19.93
CA TYR A 65 17.38 10.18 -19.31
C TYR A 65 17.30 10.26 -17.76
N ILE A 66 18.38 9.83 -17.11
CA ILE A 66 18.59 10.06 -15.70
C ILE A 66 19.73 11.06 -15.53
N LEU A 67 19.47 12.19 -14.87
CA LEU A 67 20.53 13.18 -14.55
C LEU A 67 21.31 12.67 -13.36
N LEU A 68 22.54 12.20 -13.61
CA LEU A 68 23.32 11.51 -12.61
C LEU A 68 24.23 12.42 -11.78
N GLY A 69 24.76 13.48 -12.37
CA GLY A 69 25.74 14.31 -11.67
C GLY A 69 26.16 15.53 -12.45
N PHE A 70 27.11 16.29 -11.89
CA PHE A 70 27.57 17.53 -12.50
C PHE A 70 29.08 17.62 -12.49
N GLU A 71 29.63 18.36 -13.46
CA GLU A 71 31.04 18.69 -13.54
C GLU A 71 31.42 19.32 -12.24
N ASP A 72 32.55 18.92 -11.68
CA ASP A 72 33.04 19.50 -10.43
C ASP A 72 34.53 19.21 -10.38
N HIS A 73 35.36 20.26 -10.40
CA HIS A 73 36.83 20.14 -10.34
C HIS A 73 37.38 19.06 -11.30
N GLY A 74 36.96 19.13 -12.56
CA GLY A 74 37.46 18.19 -13.60
C GLY A 74 36.87 16.80 -13.61
N LYS A 75 36.20 16.40 -12.52
CA LYS A 75 35.54 15.10 -12.42
C LYS A 75 34.01 15.29 -12.29
N ILE A 76 33.32 14.43 -11.54
CA ILE A 76 31.87 14.44 -11.50
C ILE A 76 31.34 14.24 -10.08
N ALA A 77 30.53 15.19 -9.60
CA ALA A 77 29.77 15.02 -8.36
C ALA A 77 28.48 14.25 -8.65
N ILE A 78 28.26 13.17 -7.93
CA ILE A 78 27.14 12.27 -8.17
C ILE A 78 25.94 12.68 -7.34
N ILE A 79 24.91 13.22 -7.97
CA ILE A 79 23.76 13.67 -7.22
C ILE A 79 22.65 12.62 -7.12
N ASP A 80 22.63 11.64 -8.02
CA ASP A 80 21.61 10.60 -8.04
C ASP A 80 21.74 9.69 -6.83
N THR A 81 20.71 9.68 -6.01
CA THR A 81 20.75 8.97 -4.73
C THR A 81 20.58 7.45 -4.93
N ARG A 82 20.01 7.03 -6.05
CA ARG A 82 19.98 5.59 -6.38
C ARG A 82 21.36 5.10 -6.79
N LEU A 83 22.10 5.89 -7.56
CA LEU A 83 23.46 5.54 -7.89
C LEU A 83 24.34 5.55 -6.62
N GLN A 84 24.16 6.55 -5.77
CA GLN A 84 24.90 6.58 -4.50
C GLN A 84 24.63 5.29 -3.69
N GLY A 85 23.37 4.86 -3.67
CA GLY A 85 22.95 3.63 -2.99
C GLY A 85 23.66 2.40 -3.55
N LYS A 86 23.72 2.31 -4.88
CA LYS A 86 24.42 1.20 -5.53
C LYS A 86 25.92 1.19 -5.25
N ALA A 87 26.53 2.37 -5.23
CA ALA A 87 27.96 2.47 -4.95
C ALA A 87 28.25 2.05 -3.51
N PHE A 88 27.34 2.41 -2.61
CA PHE A 88 27.41 1.99 -1.21
C PHE A 88 27.20 0.47 -1.06
N GLU A 89 26.27 -0.10 -1.81
CA GLU A 89 26.09 -1.56 -1.84
C GLU A 89 27.37 -2.25 -2.27
N LYS A 90 27.96 -1.76 -3.36
CA LYS A 90 29.24 -2.31 -3.86
C LYS A 90 30.34 -2.24 -2.81
N ILE A 91 30.43 -1.11 -2.11
CA ILE A 91 31.41 -0.96 -1.02
C ILE A 91 31.24 -2.10 -0.01
N ILE A 92 30.01 -2.29 0.49
CA ILE A 92 29.70 -3.38 1.42
C ILE A 92 30.11 -4.73 0.85
N GLU A 93 29.51 -5.11 -0.27
CA GLU A 93 29.78 -6.40 -0.90
C GLU A 93 31.29 -6.69 -1.02
N LYS A 94 32.06 -5.70 -1.47
CA LYS A 94 33.52 -5.87 -1.66
C LYS A 94 34.32 -5.76 -0.35
N GLU A 95 33.67 -5.30 0.72
CA GLU A 95 34.31 -5.16 2.04
C GLU A 95 35.48 -4.18 2.01
N LEU A 96 35.23 -2.98 1.50
CA LEU A 96 36.23 -1.92 1.43
C LEU A 96 36.16 -1.00 2.63
N LEU A 97 35.15 -1.22 3.49
CA LEU A 97 34.93 -0.37 4.66
C LEU A 97 35.35 -1.15 5.92
N PRO A 98 36.13 -0.50 6.82
CA PRO A 98 36.72 -1.20 7.97
C PRO A 98 35.69 -1.68 9.00
N GLU A 99 34.59 -0.95 9.11
CA GLU A 99 33.57 -1.23 10.11
C GLU A 99 32.77 -2.49 9.76
N LEU A 100 32.76 -2.86 8.48
CA LEU A 100 31.88 -3.92 7.98
C LEU A 100 32.66 -4.87 7.08
N GLU A 101 33.80 -5.38 7.55
CA GLU A 101 34.67 -6.25 6.76
C GLU A 101 34.19 -7.71 6.73
N GLY A 102 32.89 -7.91 6.50
CA GLY A 102 32.31 -9.24 6.42
C GLY A 102 30.83 -9.20 6.77
N CYS A 103 30.05 -8.51 5.94
CA CYS A 103 28.61 -8.31 6.19
C CYS A 103 27.79 -8.35 4.90
N ARG A 104 26.48 -8.55 5.05
CA ARG A 104 25.57 -8.66 3.90
C ARG A 104 24.22 -7.96 4.13
N ILE A 105 23.62 -7.48 3.04
CA ILE A 105 22.32 -6.81 3.10
C ILE A 105 21.22 -7.85 3.12
N ILE A 106 20.45 -7.89 4.21
CA ILE A 106 19.36 -8.86 4.32
C ILE A 106 18.00 -8.24 4.01
N LYS A 107 17.88 -6.91 4.12
CA LYS A 107 16.64 -6.20 3.81
C LYS A 107 16.85 -4.74 3.44
N ARG A 108 16.11 -4.27 2.44
CA ARG A 108 16.11 -2.85 2.03
C ARG A 108 14.78 -2.21 2.41
N GLU A 109 14.82 -0.93 2.72
CA GLU A 109 13.70 -0.22 3.32
C GLU A 109 12.94 -1.07 4.37
N PRO A 110 13.66 -1.50 5.43
CA PRO A 110 13.03 -2.19 6.56
C PRO A 110 12.30 -1.21 7.48
N ARG A 111 11.15 -1.64 8.00
CA ARG A 111 10.26 -0.75 8.76
C ARG A 111 10.75 -0.57 10.20
N VAL A 112 10.79 0.67 10.67
CA VAL A 112 11.17 0.99 12.05
C VAL A 112 10.34 2.18 12.54
N GLY A 113 9.58 1.98 13.61
CA GLY A 113 8.63 2.99 14.07
C GLY A 113 7.51 3.16 13.05
N GLU A 114 7.23 4.41 12.66
CA GLU A 114 6.33 4.69 11.53
C GLU A 114 7.12 5.24 10.34
N SER A 115 8.36 4.78 10.20
CA SER A 115 9.25 5.17 9.09
C SER A 115 9.90 3.94 8.46
N ARG A 116 10.65 4.16 7.39
CA ARG A 116 11.51 3.14 6.83
C ARG A 116 12.94 3.66 6.74
N LEU A 117 13.87 2.88 7.26
CA LEU A 117 15.29 3.18 7.17
C LEU A 117 15.82 2.52 5.91
N ASP A 118 17.08 2.72 5.58
CA ASP A 118 17.60 2.27 4.29
C ASP A 118 17.94 0.78 4.25
N TYR A 119 18.84 0.33 5.12
CA TYR A 119 19.31 -1.05 5.07
C TYR A 119 19.27 -1.75 6.42
N LEU A 120 18.98 -3.05 6.37
CA LEU A 120 19.27 -3.96 7.48
C LEU A 120 20.44 -4.85 7.02
N ILE A 121 21.58 -4.72 7.68
CA ILE A 121 22.78 -5.48 7.34
C ILE A 121 23.01 -6.57 8.39
N GLU A 122 23.61 -7.67 7.98
CA GLU A 122 23.96 -8.76 8.91
C GLU A 122 25.47 -8.93 9.00
N CYS A 123 26.01 -8.63 10.19
CA CYS A 123 27.43 -8.86 10.48
C CYS A 123 27.65 -10.29 10.97
N SER A 124 28.91 -10.65 11.20
CA SER A 124 29.26 -11.88 11.88
C SER A 124 28.80 -11.79 13.33
N LYS A 125 28.97 -10.60 13.93
CA LYS A 125 28.54 -10.34 15.31
C LYS A 125 27.02 -10.43 15.40
N GLY A 126 26.31 -9.44 14.86
CA GLY A 126 24.85 -9.40 14.94
C GLY A 126 24.18 -8.51 13.90
N GLU A 127 22.98 -8.04 14.25
CA GLU A 127 22.14 -7.25 13.35
C GLU A 127 22.54 -5.78 13.43
N ILE A 128 22.55 -5.09 12.30
CA ILE A 128 22.84 -3.64 12.27
C ILE A 128 21.93 -2.87 11.30
N PHE A 129 21.48 -1.70 11.73
CA PHE A 129 20.61 -0.83 10.97
C PHE A 129 21.42 0.34 10.42
N VAL A 130 21.56 0.39 9.09
CA VAL A 130 22.30 1.47 8.43
C VAL A 130 21.39 2.37 7.61
N GLU A 131 21.45 3.67 7.91
CA GLU A 131 20.78 4.71 7.13
C GLU A 131 21.85 5.50 6.39
N THR A 132 21.61 5.81 5.11
CA THR A 132 22.53 6.60 4.30
C THR A 132 21.95 7.98 4.04
N LYS A 133 22.84 8.96 3.89
CA LYS A 133 22.44 10.30 3.47
C LYS A 133 23.44 10.92 2.49
N SER A 134 22.90 11.68 1.54
CA SER A 134 23.68 12.32 0.48
C SER A 134 24.33 13.54 1.07
N ALA A 135 25.65 13.65 0.95
CA ALA A 135 26.35 14.84 1.39
C ALA A 135 27.11 15.43 0.23
N VAL A 136 26.41 16.20 -0.59
CA VAL A 136 27.03 16.81 -1.77
C VAL A 136 27.05 18.34 -1.72
N LEU A 137 26.70 18.92 -0.57
CA LEU A 137 26.85 20.35 -0.34
C LEU A 137 28.29 20.61 0.12
N ARG A 138 29.02 21.42 -0.64
CA ARG A 138 30.45 21.65 -0.39
C ARG A 138 30.68 22.89 0.46
N GLU A 139 31.68 22.81 1.34
CA GLU A 139 32.34 23.99 1.90
C GLU A 139 33.82 23.67 2.01
N GLY A 140 34.63 24.28 1.16
CA GLY A 140 36.06 23.97 1.09
C GLY A 140 36.32 22.48 1.00
N GLU A 141 36.93 21.92 2.04
CA GLU A 141 37.33 20.52 2.07
C GLU A 141 36.23 19.63 2.68
N TYR A 142 35.13 20.27 3.10
CA TYR A 142 34.03 19.56 3.76
C TYR A 142 32.89 19.22 2.78
N ALA A 143 32.39 17.98 2.88
CA ALA A 143 31.11 17.60 2.31
C ALA A 143 30.10 17.69 3.44
N MET A 144 28.93 18.27 3.19
CA MET A 144 27.99 18.59 4.26
C MET A 144 26.57 18.11 3.98
N TYR A 145 25.78 18.02 5.04
CA TYR A 145 24.36 17.67 4.97
C TYR A 145 23.62 18.38 6.11
N PRO A 146 22.39 18.84 5.86
CA PRO A 146 21.64 18.92 4.61
C PRO A 146 21.78 20.31 3.98
N ASP A 147 21.11 20.56 2.86
CA ASP A 147 21.12 21.89 2.23
C ASP A 147 19.74 22.58 2.34
N CYS A 148 18.87 22.00 3.16
CA CYS A 148 17.51 22.49 3.35
C CYS A 148 16.92 21.70 4.50
N PRO A 149 15.83 22.19 5.10
CA PRO A 149 15.24 21.45 6.23
C PRO A 149 14.58 20.15 5.79
N SER A 150 14.99 19.03 6.42
CA SER A 150 14.40 17.72 6.17
C SER A 150 13.72 17.18 7.42
N VAL A 151 12.41 17.39 7.50
CA VAL A 151 11.60 16.86 8.58
C VAL A 151 11.62 15.34 8.51
N ARG A 152 11.65 14.79 7.29
CA ARG A 152 11.81 13.34 7.10
C ARG A 152 13.14 12.87 7.66
N GLY A 153 14.18 13.68 7.46
CA GLY A 153 15.52 13.39 7.98
C GLY A 153 15.63 13.43 9.50
N GLN A 154 14.87 14.32 10.13
CA GLN A 154 14.83 14.44 11.60
C GLN A 154 14.37 13.12 12.24
N ARG A 155 13.21 12.67 11.77
CA ARG A 155 12.53 11.49 12.29
C ARG A 155 13.31 10.22 12.04
N HIS A 156 14.06 10.21 10.93
CA HIS A 156 14.94 9.09 10.60
C HIS A 156 16.11 9.00 11.58
N ILE A 157 16.67 10.16 11.94
CA ILE A 157 17.74 10.20 12.92
C ILE A 157 17.20 9.75 14.28
N LYS A 158 15.99 10.20 14.61
CA LYS A 158 15.30 9.80 15.85
C LYS A 158 15.16 8.29 15.98
N GLU A 159 14.76 7.62 14.90
CA GLU A 159 14.63 6.17 14.93
C GLU A 159 15.97 5.50 15.25
N LEU A 160 17.07 6.09 14.76
CA LEU A 160 18.42 5.61 15.08
C LEU A 160 18.79 5.90 16.54
N ILE A 161 18.26 6.99 17.08
CA ILE A 161 18.43 7.33 18.49
C ILE A 161 17.58 6.40 19.37
N LYS A 162 16.32 6.21 18.98
CA LYS A 162 15.40 5.32 19.68
C LYS A 162 15.82 3.85 19.61
N LEU A 163 16.58 3.47 18.56
CA LEU A 163 17.11 2.11 18.44
C LEU A 163 18.38 1.88 19.28
N ALA A 164 19.32 2.81 19.20
CA ALA A 164 20.60 2.70 19.92
C ALA A 164 20.39 2.69 21.43
N ARG A 165 19.83 3.79 21.95
CA ARG A 165 19.42 3.87 23.35
C ARG A 165 18.87 2.53 23.85
N ASP A 166 17.96 1.95 23.07
CA ASP A 166 17.26 0.72 23.44
C ASP A 166 18.02 -0.55 23.02
N GLY A 167 19.34 -0.52 23.14
CA GLY A 167 20.18 -1.72 22.96
C GLY A 167 20.22 -2.32 21.57
N LYS A 168 20.23 -1.48 20.54
CA LYS A 168 20.32 -1.94 19.15
C LYS A 168 21.44 -1.20 18.41
N ARG A 169 22.10 -1.89 17.48
CA ARG A 169 23.13 -1.27 16.63
C ARG A 169 22.48 -0.42 15.54
N ALA A 170 22.88 0.84 15.46
CA ALA A 170 22.35 1.79 14.48
C ALA A 170 23.47 2.68 13.91
N MET A 171 23.60 2.71 12.59
CA MET A 171 24.66 3.46 11.90
C MET A 171 24.06 4.47 10.90
N ILE A 172 24.80 5.55 10.66
CA ILE A 172 24.44 6.49 9.61
C ILE A 172 25.67 6.81 8.77
N VAL A 173 25.56 6.59 7.46
CA VAL A 173 26.66 6.76 6.51
C VAL A 173 26.38 7.92 5.56
N PHE A 174 27.16 9.00 5.69
CA PHE A 174 27.02 10.14 4.80
C PHE A 174 27.82 9.87 3.53
N ILE A 175 27.16 9.92 2.38
CA ILE A 175 27.84 9.69 1.12
C ILE A 175 28.33 11.03 0.59
N GLY A 176 29.64 11.25 0.73
CA GLY A 176 30.28 12.46 0.24
C GLY A 176 30.67 12.25 -1.21
N ALA A 177 29.65 12.28 -2.08
CA ALA A 177 29.87 11.96 -3.49
C ALA A 177 30.33 13.21 -4.24
N LEU A 178 31.44 13.78 -3.77
CA LEU A 178 32.09 14.95 -4.35
C LEU A 178 33.57 14.64 -4.52
N PRO A 179 34.20 15.11 -5.59
CA PRO A 179 35.65 15.02 -5.57
C PRO A 179 36.23 16.09 -4.66
N ASN A 180 37.50 15.93 -4.32
CA ASN A 180 38.24 16.93 -3.52
C ASN A 180 37.56 17.27 -2.21
N VAL A 181 37.23 16.25 -1.43
CA VAL A 181 36.81 16.42 -0.04
C VAL A 181 37.42 15.31 0.82
N SER A 182 37.77 15.64 2.05
CA SER A 182 38.35 14.69 3.02
C SER A 182 37.68 14.72 4.40
N LYS A 183 36.79 15.67 4.65
CA LYS A 183 36.08 15.79 5.92
C LYS A 183 34.56 15.89 5.71
N PHE A 184 33.80 15.48 6.71
CA PHE A 184 32.36 15.74 6.76
C PHE A 184 31.98 16.54 8.00
N LYS A 185 30.99 17.44 7.87
CA LYS A 185 30.33 18.07 9.01
C LYS A 185 28.92 18.46 8.59
N PRO A 186 28.00 18.61 9.56
CA PRO A 186 26.65 19.03 9.20
C PRO A 186 26.58 20.51 8.90
N TYR A 187 25.67 20.88 8.02
CA TYR A 187 25.44 22.27 7.67
C TYR A 187 24.31 22.77 8.57
N LYS A 188 24.69 23.45 9.66
CA LYS A 188 23.73 23.86 10.71
C LYS A 188 22.55 24.64 10.14
N LYS A 189 22.86 25.59 9.26
CA LYS A 189 21.85 26.49 8.69
C LYS A 189 20.84 25.74 7.82
N GLY A 190 21.25 24.61 7.26
CA GLY A 190 20.37 23.78 6.42
C GLY A 190 19.20 23.24 7.22
N ASP A 191 19.52 22.66 8.38
CA ASP A 191 18.50 22.23 9.33
C ASP A 191 19.08 22.41 10.73
N PRO A 192 18.42 23.23 11.59
CA PRO A 192 18.98 23.47 12.92
C PRO A 192 19.01 22.20 13.77
N LYS A 193 17.95 21.41 13.67
CA LYS A 193 17.73 20.29 14.57
C LYS A 193 18.56 19.08 14.21
N ILE A 194 18.78 18.84 12.91
CA ILE A 194 19.58 17.70 12.48
C ILE A 194 21.01 17.80 13.04
N ALA A 195 21.53 19.01 13.15
CA ALA A 195 22.81 19.24 13.82
C ALA A 195 22.76 18.75 15.27
N GLU A 196 21.75 19.22 15.99
CA GLU A 196 21.54 18.84 17.39
C GLU A 196 21.37 17.32 17.50
N LEU A 197 20.38 16.80 16.77
CA LEU A 197 20.06 15.36 16.78
C LEU A 197 21.24 14.48 16.40
N LEU A 198 22.18 15.01 15.61
CA LEU A 198 23.36 14.25 15.23
C LEU A 198 24.31 14.07 16.40
N LYS A 199 24.47 15.11 17.22
CA LYS A 199 25.26 14.99 18.44
C LYS A 199 24.55 14.08 19.45
N GLU A 200 23.24 14.32 19.64
CA GLU A 200 22.41 13.45 20.48
C GLU A 200 22.54 11.97 20.07
N ALA A 201 22.45 11.71 18.77
CA ALA A 201 22.58 10.35 18.25
C ALA A 201 24.00 9.84 18.40
N LEU A 202 24.98 10.69 18.14
CA LEU A 202 26.39 10.30 18.26
C LEU A 202 26.75 9.93 19.70
N GLU A 203 26.10 10.61 20.67
CA GLU A 203 26.27 10.31 22.08
C GLU A 203 25.66 8.96 22.47
N ALA A 204 24.51 8.63 21.88
CA ALA A 204 23.78 7.40 22.22
C ALA A 204 24.35 6.15 21.55
N GLY A 205 25.62 6.17 21.18
CA GLY A 205 26.29 5.00 20.60
C GLY A 205 26.02 4.77 19.12
N VAL A 206 25.26 5.65 18.48
CA VAL A 206 24.97 5.52 17.05
C VAL A 206 26.23 5.84 16.24
N GLU A 207 26.74 4.84 15.53
CA GLU A 207 27.93 5.01 14.69
C GLU A 207 27.65 5.97 13.52
N ILE A 208 28.57 6.89 13.27
CA ILE A 208 28.46 7.87 12.20
C ILE A 208 29.71 7.86 11.35
N ARG A 209 29.57 7.44 10.09
CA ARG A 209 30.66 7.40 9.14
C ARG A 209 30.35 8.32 7.94
N ALA A 210 31.37 8.60 7.13
CA ALA A 210 31.21 9.41 5.92
C ALA A 210 32.22 8.96 4.88
N LEU A 211 31.74 8.72 3.65
CA LEU A 211 32.56 8.15 2.58
C LEU A 211 32.85 9.17 1.47
N GLY A 212 33.97 8.98 0.78
CA GLY A 212 34.39 9.87 -0.28
C GLY A 212 34.34 9.15 -1.62
N LEU A 213 33.49 9.67 -2.53
CA LEU A 213 33.26 9.09 -3.88
C LEU A 213 33.22 10.19 -4.95
N HIS A 214 33.63 9.85 -6.17
CA HIS A 214 33.41 10.70 -7.33
C HIS A 214 33.16 9.83 -8.56
N MET A 215 32.84 10.46 -9.69
CA MET A 215 32.74 9.74 -10.97
C MET A 215 33.69 10.40 -11.95
N GLU A 216 34.34 9.57 -12.77
CA GLU A 216 35.20 10.06 -13.85
C GLU A 216 34.36 10.26 -15.11
N LEU A 217 34.95 10.90 -16.11
CA LEU A 217 34.26 11.16 -17.37
C LEU A 217 33.93 9.86 -18.08
N SER A 218 34.75 8.84 -17.80
CA SER A 218 34.59 7.50 -18.39
C SER A 218 33.31 6.83 -17.91
N GLY A 219 32.77 7.29 -16.80
CA GLY A 219 31.64 6.64 -16.15
C GLY A 219 32.08 5.85 -14.94
N GLU A 220 33.39 5.82 -14.71
CA GLU A 220 33.95 5.09 -13.58
C GLU A 220 33.65 5.80 -12.26
N ILE A 221 33.04 5.06 -11.34
CA ILE A 221 32.75 5.55 -10.00
C ILE A 221 33.88 5.10 -9.07
N ILE A 222 34.52 6.07 -8.42
CA ILE A 222 35.72 5.85 -7.61
C ILE A 222 35.41 6.05 -6.14
N TYR A 223 35.80 5.09 -5.31
CA TYR A 223 35.76 5.25 -3.85
C TYR A 223 37.14 5.73 -3.38
N ARG A 224 37.17 6.82 -2.60
CA ARG A 224 38.44 7.44 -2.17
C ARG A 224 38.79 7.16 -0.70
N GLY A 225 37.91 6.51 0.04
CA GLY A 225 38.15 6.20 1.45
C GLY A 225 37.18 6.93 2.34
N GLU A 226 37.37 6.78 3.66
CA GLU A 226 36.51 7.46 4.62
C GLU A 226 36.84 8.96 4.71
N LEU A 227 35.83 9.76 5.00
CA LEU A 227 36.03 11.16 5.30
C LEU A 227 36.11 11.30 6.81
N GLY A 228 36.95 12.24 7.27
CA GLY A 228 37.03 12.56 8.70
C GLY A 228 35.74 13.21 9.16
N VAL A 229 35.02 12.53 10.05
CA VAL A 229 33.73 13.00 10.54
C VAL A 229 33.92 13.96 11.70
N GLU A 230 33.25 15.11 11.65
CA GLU A 230 33.34 16.11 12.71
C GLU A 230 31.94 16.58 13.12
N ILE A 231 31.24 15.72 13.85
CA ILE A 231 29.87 16.02 14.27
C ILE A 231 29.90 16.99 15.43
N ALA B 1 -42.04 -4.88 1.62
CA ALA B 1 -41.43 -4.66 0.29
C ALA B 1 -41.26 -3.16 0.01
N MET B 2 -40.09 -2.63 0.39
CA MET B 2 -39.68 -1.28 -0.01
C MET B 2 -38.68 -1.44 -1.15
N LYS B 3 -38.85 -0.63 -2.20
CA LYS B 3 -37.94 -0.60 -3.33
C LYS B 3 -36.69 0.20 -2.98
N LEU B 4 -35.52 -0.40 -3.15
CA LEU B 4 -34.26 0.26 -2.79
C LEU B 4 -33.61 1.00 -3.96
N MET B 5 -33.55 0.34 -5.11
CA MET B 5 -32.81 0.83 -6.27
C MET B 5 -33.09 -0.04 -7.51
N GLU B 6 -32.63 0.44 -8.66
CA GLU B 6 -32.88 -0.18 -9.95
C GLU B 6 -31.53 -0.43 -10.64
N VAL B 7 -31.26 -1.69 -10.96
CA VAL B 7 -30.10 -2.08 -11.76
C VAL B 7 -30.46 -2.03 -13.26
N SER B 8 -29.73 -1.24 -14.06
CA SER B 8 -29.97 -1.16 -15.52
C SER B 8 -28.69 -1.07 -16.34
N PRO B 9 -28.67 -1.72 -17.52
CA PRO B 9 -29.67 -2.68 -17.98
C PRO B 9 -29.37 -4.08 -17.37
N LEU B 10 -30.32 -4.98 -17.40
CA LEU B 10 -30.13 -6.31 -16.81
C LEU B 10 -30.48 -7.41 -17.80
N PHE B 11 -29.49 -8.24 -18.10
CA PHE B 11 -29.61 -9.27 -19.11
C PHE B 11 -29.56 -10.66 -18.49
N PRO B 12 -30.58 -11.47 -18.78
CA PRO B 12 -30.47 -12.89 -18.55
C PRO B 12 -29.31 -13.49 -19.34
N CYS B 13 -28.63 -14.46 -18.75
CA CYS B 13 -27.57 -15.21 -19.41
C CYS B 13 -27.70 -16.67 -19.01
N ILE B 14 -26.99 -17.54 -19.71
CA ILE B 14 -26.82 -18.93 -19.32
C ILE B 14 -25.41 -19.08 -18.78
N PHE B 15 -25.30 -19.56 -17.55
CA PHE B 15 -23.99 -19.80 -16.93
C PHE B 15 -23.36 -21.08 -17.51
N LEU B 16 -22.11 -20.99 -17.94
CA LEU B 16 -21.39 -22.11 -18.51
C LEU B 16 -20.43 -22.73 -17.49
N ARG B 17 -19.50 -21.93 -16.98
CA ARG B 17 -18.56 -22.39 -15.94
C ARG B 17 -17.74 -21.24 -15.41
N ARG B 18 -17.18 -21.43 -14.22
CA ARG B 18 -16.22 -20.50 -13.64
C ARG B 18 -14.82 -20.76 -14.13
N VAL B 19 -14.15 -19.71 -14.58
CA VAL B 19 -12.78 -19.81 -15.07
C VAL B 19 -11.88 -19.82 -13.85
N ASN B 20 -12.29 -19.01 -12.87
CA ASN B 20 -11.57 -18.87 -11.60
C ASN B 20 -12.52 -18.18 -10.66
N ARG B 21 -12.08 -17.91 -9.45
CA ARG B 21 -12.96 -17.33 -8.43
C ARG B 21 -13.54 -15.94 -8.79
N PHE B 22 -12.91 -15.23 -9.70
CA PHE B 22 -13.31 -13.88 -10.09
C PHE B 22 -14.00 -13.78 -11.44
N VAL B 23 -14.01 -14.87 -12.22
CA VAL B 23 -14.54 -14.82 -13.60
C VAL B 23 -15.40 -16.05 -13.96
N GLY B 24 -16.56 -15.80 -14.56
CA GLY B 24 -17.42 -16.84 -15.08
C GLY B 24 -17.60 -16.65 -16.58
N LEU B 25 -17.81 -17.74 -17.30
CA LEU B 25 -18.18 -17.65 -18.72
C LEU B 25 -19.67 -17.87 -18.74
N VAL B 26 -20.35 -17.00 -19.47
CA VAL B 26 -21.78 -17.00 -19.59
C VAL B 26 -22.11 -16.86 -21.05
N ARG B 27 -23.29 -17.31 -21.46
CA ARG B 27 -23.76 -17.10 -22.81
C ARG B 27 -24.83 -16.03 -22.79
N ILE B 28 -24.61 -14.97 -23.56
CA ILE B 28 -25.55 -13.86 -23.67
C ILE B 28 -25.90 -13.66 -25.13
N LYS B 29 -27.17 -13.87 -25.47
CA LYS B 29 -27.66 -13.79 -26.86
C LYS B 29 -26.64 -14.37 -27.82
N GLU B 30 -26.48 -15.69 -27.77
CA GLU B 30 -25.60 -16.42 -28.68
C GLU B 30 -24.09 -16.30 -28.41
N ARG B 31 -23.63 -15.15 -27.91
CA ARG B 31 -22.18 -14.92 -27.71
C ARG B 31 -21.71 -15.41 -26.32
N ILE B 32 -20.47 -15.91 -26.26
CA ILE B 32 -19.87 -16.32 -25.00
C ILE B 32 -19.06 -15.16 -24.45
N GLU B 33 -19.31 -14.80 -23.20
CA GLU B 33 -18.71 -13.63 -22.62
C GLU B 33 -18.15 -13.95 -21.25
N ARG B 34 -17.20 -13.10 -20.83
CA ARG B 34 -16.60 -13.19 -19.50
C ARG B 34 -17.29 -12.24 -18.53
N ALA B 35 -17.62 -12.74 -17.35
CA ALA B 35 -18.39 -11.96 -16.38
C ALA B 35 -17.65 -11.97 -15.04
N LEU B 36 -17.56 -10.79 -14.45
CA LEU B 36 -16.89 -10.60 -13.16
C LEU B 36 -17.75 -11.21 -12.08
N ILE B 37 -17.10 -11.87 -11.13
CA ILE B 37 -17.78 -12.43 -9.99
C ILE B 37 -17.13 -11.80 -8.78
N THR B 38 -17.96 -11.18 -7.93
CA THR B 38 -17.52 -10.54 -6.72
C THR B 38 -18.22 -11.18 -5.54
N ASN B 39 -17.64 -12.32 -5.15
CA ASN B 39 -18.15 -13.19 -4.10
C ASN B 39 -17.16 -14.34 -4.12
N THR B 40 -16.21 -14.37 -3.20
CA THR B 40 -15.14 -15.41 -3.25
C THR B 40 -15.66 -16.78 -2.80
N GLY B 41 -16.76 -16.78 -2.04
CA GLY B 41 -17.46 -18.02 -1.66
C GLY B 41 -17.75 -18.95 -2.82
N ARG B 42 -18.03 -20.21 -2.47
CA ARG B 42 -18.15 -21.28 -3.44
C ARG B 42 -19.39 -21.18 -4.30
N LEU B 43 -20.51 -20.85 -3.68
CA LEU B 43 -21.80 -20.76 -4.39
C LEU B 43 -22.03 -21.98 -5.28
N ASN B 44 -21.59 -23.15 -4.81
CA ASN B 44 -21.76 -24.37 -5.58
C ASN B 44 -23.24 -24.72 -5.83
N GLU B 45 -24.14 -24.16 -5.04
CA GLU B 45 -25.57 -24.33 -5.32
C GLU B 45 -26.09 -23.41 -6.47
N PHE B 46 -25.29 -22.40 -6.84
CA PHE B 46 -25.64 -21.54 -7.95
C PHE B 46 -24.83 -21.82 -9.21
N MET B 47 -23.52 -22.04 -9.03
CA MET B 47 -22.58 -22.04 -10.15
C MET B 47 -22.57 -23.39 -10.88
N ILE B 48 -23.70 -23.71 -11.49
CA ILE B 48 -23.96 -25.00 -12.10
C ILE B 48 -24.18 -24.76 -13.59
N PRO B 49 -23.42 -25.46 -14.45
CA PRO B 49 -23.62 -25.24 -15.88
C PRO B 49 -25.09 -25.33 -16.33
N GLY B 50 -25.54 -24.31 -17.05
CA GLY B 50 -26.90 -24.28 -17.58
C GLY B 50 -27.89 -23.40 -16.83
N ARG B 51 -27.56 -22.99 -15.60
CA ARG B 51 -28.49 -22.16 -14.83
C ARG B 51 -28.58 -20.76 -15.42
N ILE B 52 -29.71 -20.11 -15.16
CA ILE B 52 -29.97 -18.80 -15.65
C ILE B 52 -29.39 -17.80 -14.65
N GLY B 53 -28.47 -16.98 -15.13
CA GLY B 53 -27.93 -15.90 -14.33
C GLY B 53 -28.37 -14.56 -14.89
N TYR B 54 -28.08 -13.49 -14.16
CA TYR B 54 -28.36 -12.14 -14.66
C TYR B 54 -27.09 -11.32 -14.57
N CYS B 55 -26.78 -10.63 -15.68
CA CYS B 55 -25.62 -9.78 -15.84
C CYS B 55 -25.96 -8.33 -16.22
N THR B 56 -25.01 -7.42 -16.01
CA THR B 56 -25.07 -6.05 -16.53
C THR B 56 -23.73 -5.75 -17.19
N PRO B 57 -23.74 -5.01 -18.32
CA PRO B 57 -22.47 -4.62 -18.95
C PRO B 57 -21.70 -3.59 -18.14
N LYS B 58 -20.41 -3.49 -18.40
CA LYS B 58 -19.61 -2.39 -17.87
C LYS B 58 -18.54 -2.04 -18.87
N ALA B 59 -17.98 -0.84 -18.74
CA ALA B 59 -16.87 -0.40 -19.60
C ALA B 59 -15.49 -0.90 -19.16
N GLY B 60 -14.61 -1.17 -20.13
CA GLY B 60 -13.23 -1.54 -19.87
C GLY B 60 -12.93 -2.77 -19.01
N GLY B 61 -11.65 -3.03 -18.82
CA GLY B 61 -11.17 -4.10 -17.95
C GLY B 61 -11.04 -5.43 -18.67
N LYS B 62 -10.80 -6.48 -17.90
CA LYS B 62 -10.66 -7.83 -18.44
C LYS B 62 -11.99 -8.57 -18.56
N THR B 63 -13.07 -7.98 -18.03
CA THR B 63 -14.41 -8.49 -18.26
C THR B 63 -15.34 -7.42 -18.82
N ARG B 64 -16.30 -7.83 -19.63
CA ARG B 64 -17.28 -6.92 -20.23
C ARG B 64 -18.61 -6.88 -19.48
N TYR B 65 -18.82 -7.84 -18.56
CA TYR B 65 -20.03 -7.96 -17.73
C TYR B 65 -19.73 -8.25 -16.25
N ILE B 66 -20.69 -7.93 -15.41
CA ILE B 66 -20.71 -8.34 -14.01
C ILE B 66 -21.86 -9.32 -13.81
N LEU B 67 -21.56 -10.51 -13.29
CA LEU B 67 -22.58 -11.51 -12.96
C LEU B 67 -23.22 -11.16 -11.62
N LEU B 68 -24.42 -10.60 -11.66
CA LEU B 68 -25.02 -10.05 -10.47
C LEU B 68 -25.78 -11.07 -9.61
N GLY B 69 -26.48 -11.98 -10.24
CA GLY B 69 -27.33 -12.93 -9.50
C GLY B 69 -27.82 -14.11 -10.31
N PHE B 70 -28.67 -14.95 -9.71
CA PHE B 70 -29.21 -16.13 -10.36
C PHE B 70 -30.72 -16.20 -10.15
N GLU B 71 -31.42 -16.80 -11.12
CA GLU B 71 -32.81 -17.12 -11.03
C GLU B 71 -33.00 -17.94 -9.76
N ASP B 72 -34.02 -17.59 -8.97
CA ASP B 72 -34.36 -18.28 -7.74
C ASP B 72 -35.85 -17.99 -7.44
N HIS B 73 -36.71 -19.00 -7.55
CA HIS B 73 -38.16 -18.87 -7.27
C HIS B 73 -38.83 -17.75 -8.08
N GLY B 74 -38.60 -17.74 -9.39
CA GLY B 74 -39.17 -16.73 -10.28
C GLY B 74 -38.57 -15.35 -10.11
N LYS B 75 -37.73 -15.17 -9.09
CA LYS B 75 -37.06 -13.90 -8.84
C LYS B 75 -35.54 -14.11 -8.97
N ILE B 76 -34.75 -13.22 -8.40
CA ILE B 76 -33.31 -13.26 -8.55
C ILE B 76 -32.61 -13.21 -7.19
N ALA B 77 -31.79 -14.21 -6.91
CA ALA B 77 -30.85 -14.15 -5.78
C ALA B 77 -29.60 -13.34 -6.15
N ILE B 78 -29.23 -12.37 -5.32
CA ILE B 78 -28.15 -11.44 -5.60
C ILE B 78 -26.86 -11.94 -4.98
N ILE B 79 -25.94 -12.40 -5.82
CA ILE B 79 -24.68 -12.93 -5.32
C ILE B 79 -23.57 -11.86 -5.24
N ASP B 80 -23.71 -10.76 -5.99
CA ASP B 80 -22.67 -9.71 -6.05
C ASP B 80 -22.59 -8.89 -4.75
N THR B 81 -21.48 -9.05 -4.04
CA THR B 81 -21.31 -8.45 -2.71
C THR B 81 -21.20 -6.91 -2.76
N ARG B 82 -20.77 -6.35 -3.90
CA ARG B 82 -20.79 -4.90 -4.10
C ARG B 82 -22.21 -4.39 -4.22
N LEU B 83 -23.06 -5.13 -4.93
CA LEU B 83 -24.44 -4.72 -5.05
C LEU B 83 -25.16 -4.89 -3.71
N GLN B 84 -24.86 -5.96 -2.98
CA GLN B 84 -25.43 -6.14 -1.64
C GLN B 84 -25.11 -4.93 -0.73
N GLY B 85 -23.84 -4.51 -0.75
CA GLY B 85 -23.35 -3.34 -0.02
C GLY B 85 -24.08 -2.06 -0.40
N LYS B 86 -24.25 -1.86 -1.70
CA LYS B 86 -25.03 -0.73 -2.20
C LYS B 86 -26.45 -0.75 -1.64
N ALA B 87 -27.08 -1.92 -1.63
CA ALA B 87 -28.46 -2.04 -1.14
C ALA B 87 -28.50 -1.77 0.37
N PHE B 88 -27.48 -2.23 1.08
CA PHE B 88 -27.35 -1.95 2.51
C PHE B 88 -27.22 -0.44 2.75
N GLU B 89 -26.34 0.21 1.98
CA GLU B 89 -26.16 1.66 2.06
C GLU B 89 -27.46 2.43 1.79
N LYS B 90 -28.24 1.98 0.81
CA LYS B 90 -29.54 2.59 0.54
C LYS B 90 -30.51 2.35 1.68
N ILE B 91 -30.44 1.18 2.30
CA ILE B 91 -31.27 0.88 3.47
C ILE B 91 -30.97 1.89 4.59
N ILE B 92 -29.70 2.04 4.94
CA ILE B 92 -29.28 2.99 5.99
C ILE B 92 -29.75 4.39 5.66
N GLU B 93 -29.31 4.92 4.52
CA GLU B 93 -29.63 6.28 4.11
C GLU B 93 -31.13 6.55 4.03
N LYS B 94 -31.91 5.55 3.62
CA LYS B 94 -33.37 5.68 3.60
C LYS B 94 -34.00 5.44 4.97
N GLU B 95 -33.23 4.91 5.92
CA GLU B 95 -33.67 4.69 7.29
C GLU B 95 -34.84 3.71 7.35
N LEU B 96 -34.60 2.48 6.90
CA LEU B 96 -35.61 1.42 6.90
C LEU B 96 -35.36 0.40 7.99
N LEU B 97 -34.33 0.63 8.80
CA LEU B 97 -33.91 -0.33 9.81
C LEU B 97 -34.06 0.26 11.23
N PRO B 98 -34.85 -0.39 12.10
CA PRO B 98 -35.01 0.08 13.49
C PRO B 98 -33.82 -0.23 14.40
N GLU B 99 -32.81 -0.92 13.85
CA GLU B 99 -31.56 -1.19 14.55
C GLU B 99 -30.61 0.01 14.39
N LEU B 100 -30.84 0.83 13.37
CA LEU B 100 -29.89 1.87 12.97
C LEU B 100 -30.60 3.09 12.34
N GLU B 101 -31.60 3.64 13.02
CA GLU B 101 -32.29 4.84 12.52
C GLU B 101 -31.46 6.09 12.79
N GLY B 102 -31.63 7.11 11.95
CA GLY B 102 -30.90 8.37 12.07
C GLY B 102 -29.39 8.18 12.10
N CYS B 103 -28.86 7.47 11.11
CA CYS B 103 -27.44 7.13 11.06
C CYS B 103 -26.75 7.58 9.78
N ARG B 104 -25.43 7.66 9.85
CA ARG B 104 -24.62 8.13 8.74
C ARG B 104 -23.31 7.33 8.66
N ILE B 105 -22.85 7.10 7.44
CA ILE B 105 -21.63 6.36 7.18
C ILE B 105 -20.49 7.35 7.05
N ILE B 106 -19.59 7.38 8.04
CA ILE B 106 -18.50 8.35 8.08
C ILE B 106 -17.18 7.80 7.51
N LYS B 107 -17.01 6.47 7.53
CA LYS B 107 -15.85 5.83 6.92
C LYS B 107 -16.17 4.42 6.42
N ARG B 108 -15.55 4.05 5.30
CA ARG B 108 -15.70 2.72 4.71
C ARG B 108 -14.35 1.99 4.72
N GLU B 109 -14.39 0.72 5.14
CA GLU B 109 -13.21 -0.12 5.30
C GLU B 109 -12.19 0.40 6.34
N PRO B 110 -12.67 0.73 7.56
CA PRO B 110 -11.79 1.20 8.65
C PRO B 110 -10.95 0.09 9.29
N ARG B 111 -9.71 0.41 9.65
CA ARG B 111 -8.77 -0.58 10.20
C ARG B 111 -9.13 -1.02 11.63
N VAL B 112 -8.84 -2.30 11.91
CA VAL B 112 -8.92 -2.85 13.26
C VAL B 112 -7.97 -4.05 13.33
N GLY B 113 -6.72 -3.80 13.74
CA GLY B 113 -5.66 -4.81 13.73
C GLY B 113 -5.08 -4.99 12.34
N GLU B 114 -4.85 -6.24 11.95
CA GLU B 114 -4.52 -6.56 10.55
C GLU B 114 -5.76 -6.53 9.65
N SER B 115 -6.94 -6.64 10.26
CA SER B 115 -8.20 -6.69 9.53
C SER B 115 -8.76 -5.29 9.27
N ARG B 116 -9.69 -5.23 8.31
CA ARG B 116 -10.50 -4.03 8.08
C ARG B 116 -11.96 -4.43 8.07
N LEU B 117 -12.78 -3.75 8.85
CA LEU B 117 -14.22 -3.98 8.86
C LEU B 117 -14.84 -3.22 7.68
N ASP B 118 -16.15 -3.38 7.48
CA ASP B 118 -16.80 -2.79 6.32
C ASP B 118 -17.14 -1.32 6.54
N TYR B 119 -17.81 -1.03 7.65
CA TYR B 119 -18.31 0.32 7.90
C TYR B 119 -18.00 0.82 9.31
N LEU B 120 -17.92 2.14 9.45
CA LEU B 120 -18.02 2.82 10.75
C LEU B 120 -19.23 3.75 10.67
N ILE B 121 -20.24 3.47 11.49
CA ILE B 121 -21.50 4.19 11.44
C ILE B 121 -21.62 5.18 12.59
N GLU B 122 -22.13 6.37 12.29
CA GLU B 122 -22.42 7.40 13.30
C GLU B 122 -23.95 7.48 13.49
N CYS B 123 -24.42 6.97 14.63
CA CYS B 123 -25.86 6.84 14.89
C CYS B 123 -26.39 7.92 15.84
N SER B 124 -27.68 7.81 16.18
CA SER B 124 -28.33 8.69 17.16
C SER B 124 -27.44 8.91 18.39
N LYS B 125 -27.20 7.85 19.16
CA LYS B 125 -26.36 7.91 20.36
C LYS B 125 -25.10 7.05 20.22
N GLY B 126 -23.97 7.72 19.98
CA GLY B 126 -22.66 7.07 19.95
C GLY B 126 -22.14 6.75 18.56
N GLU B 127 -21.41 5.64 18.46
CA GLU B 127 -20.66 5.26 17.27
C GLU B 127 -20.62 3.74 17.21
N ILE B 128 -20.76 3.17 16.00
CA ILE B 128 -20.84 1.72 15.85
C ILE B 128 -20.11 1.18 14.62
N PHE B 129 -19.32 0.14 14.84
CA PHE B 129 -18.71 -0.61 13.75
C PHE B 129 -19.74 -1.60 13.21
N VAL B 130 -19.81 -1.71 11.88
CA VAL B 130 -20.75 -2.64 11.23
C VAL B 130 -20.04 -3.49 10.17
N GLU B 131 -20.14 -4.81 10.34
CA GLU B 131 -19.63 -5.79 9.39
C GLU B 131 -20.80 -6.47 8.68
N THR B 132 -20.81 -6.42 7.35
CA THR B 132 -21.83 -7.11 6.56
C THR B 132 -21.31 -8.45 6.06
N LYS B 133 -22.16 -9.48 6.09
CA LYS B 133 -21.82 -10.75 5.48
C LYS B 133 -22.94 -11.19 4.55
N SER B 134 -22.56 -11.77 3.42
CA SER B 134 -23.51 -12.30 2.45
C SER B 134 -24.05 -13.61 2.98
N ALA B 135 -25.38 -13.76 3.03
CA ALA B 135 -25.98 -15.02 3.46
C ALA B 135 -26.92 -15.52 2.37
N VAL B 136 -26.36 -16.12 1.33
CA VAL B 136 -27.16 -16.55 0.18
C VAL B 136 -27.18 -18.06 0.02
N LEU B 137 -26.88 -18.78 1.09
CA LEU B 137 -27.03 -20.24 1.11
C LEU B 137 -28.37 -20.58 1.77
N ARG B 138 -29.21 -21.30 1.03
CA ARG B 138 -30.57 -21.59 1.45
C ARG B 138 -30.66 -22.91 2.21
N GLU B 139 -31.44 -22.91 3.29
CA GLU B 139 -32.01 -24.12 3.89
C GLU B 139 -33.48 -23.86 4.22
N GLY B 140 -34.38 -24.38 3.40
CA GLY B 140 -35.81 -24.13 3.54
C GLY B 140 -36.11 -22.64 3.57
N GLU B 141 -36.50 -22.15 4.74
CA GLU B 141 -36.84 -20.74 4.91
C GLU B 141 -35.71 -19.95 5.56
N TYR B 142 -34.54 -20.58 5.69
CA TYR B 142 -33.35 -19.95 6.27
C TYR B 142 -32.33 -19.52 5.21
N ALA B 143 -31.94 -18.24 5.24
CA ALA B 143 -30.69 -17.81 4.64
C ALA B 143 -29.57 -18.20 5.62
N MET B 144 -28.45 -18.65 5.09
CA MET B 144 -27.36 -19.11 5.94
C MET B 144 -26.01 -18.57 5.52
N TYR B 145 -25.09 -18.54 6.47
CA TYR B 145 -23.69 -18.18 6.26
C TYR B 145 -22.83 -19.08 7.16
N PRO B 146 -21.62 -19.46 6.73
CA PRO B 146 -21.02 -19.34 5.42
C PRO B 146 -21.18 -20.67 4.68
N ASP B 147 -20.96 -20.68 3.37
CA ASP B 147 -21.07 -21.93 2.62
C ASP B 147 -19.76 -22.71 2.55
N CYS B 148 -18.72 -22.19 3.22
CA CYS B 148 -17.40 -22.78 3.21
C CYS B 148 -16.57 -22.22 4.38
N PRO B 149 -15.39 -22.82 4.65
CA PRO B 149 -14.50 -22.25 5.66
C PRO B 149 -13.92 -20.90 5.26
N SER B 150 -14.05 -19.92 6.16
CA SER B 150 -13.50 -18.58 5.95
C SER B 150 -12.60 -18.17 7.10
N VAL B 151 -11.29 -18.15 6.84
CA VAL B 151 -10.30 -17.72 7.83
C VAL B 151 -10.36 -16.20 7.97
N ARG B 152 -10.63 -15.51 6.86
CA ARG B 152 -10.90 -14.07 6.88
C ARG B 152 -12.13 -13.76 7.70
N GLY B 153 -13.18 -14.56 7.53
CA GLY B 153 -14.45 -14.35 8.23
C GLY B 153 -14.34 -14.57 9.73
N GLN B 154 -13.58 -15.58 10.13
CA GLN B 154 -13.32 -15.85 11.55
C GLN B 154 -12.66 -14.65 12.19
N ARG B 155 -11.63 -14.13 11.52
CA ARG B 155 -10.87 -12.99 12.04
C ARG B 155 -11.76 -11.77 12.19
N HIS B 156 -12.67 -11.54 11.25
CA HIS B 156 -13.54 -10.36 11.30
C HIS B 156 -14.54 -10.44 12.47
N ILE B 157 -15.01 -11.65 12.76
CA ILE B 157 -15.82 -11.87 13.94
C ILE B 157 -14.94 -11.65 15.17
N LYS B 158 -13.81 -12.35 15.23
CA LYS B 158 -12.82 -12.17 16.31
C LYS B 158 -12.63 -10.70 16.66
N GLU B 159 -12.40 -9.86 15.65
CA GLU B 159 -12.13 -8.45 15.86
C GLU B 159 -13.36 -7.70 16.41
N LEU B 160 -14.56 -8.10 15.97
CA LEU B 160 -15.80 -7.44 16.42
C LEU B 160 -16.10 -7.67 17.90
N ILE B 161 -15.65 -8.81 18.42
CA ILE B 161 -15.83 -9.15 19.82
C ILE B 161 -14.91 -8.27 20.68
N LYS B 162 -13.64 -8.18 20.28
CA LYS B 162 -12.65 -7.35 20.97
C LYS B 162 -13.16 -5.94 21.20
N LEU B 163 -13.87 -5.38 20.22
CA LEU B 163 -14.44 -4.04 20.34
C LEU B 163 -15.55 -4.00 21.40
N ALA B 164 -16.46 -4.99 21.36
CA ALA B 164 -17.57 -5.05 22.31
C ALA B 164 -17.10 -5.31 23.75
N ARG B 165 -16.10 -6.19 23.89
CA ARG B 165 -15.44 -6.43 25.19
C ARG B 165 -14.79 -5.16 25.73
N ASP B 166 -14.19 -4.36 24.85
CA ASP B 166 -13.58 -3.08 25.22
C ASP B 166 -14.58 -1.92 25.14
N GLY B 167 -15.87 -2.20 25.32
CA GLY B 167 -16.90 -1.17 25.40
C GLY B 167 -17.29 -0.52 24.08
N LYS B 168 -16.63 -0.88 22.98
CA LYS B 168 -16.90 -0.27 21.68
C LYS B 168 -18.06 -1.02 21.00
N ARG B 169 -19.05 -0.27 20.53
CA ARG B 169 -20.27 -0.86 19.93
C ARG B 169 -19.93 -1.46 18.55
N ALA B 170 -20.39 -2.69 18.31
CA ALA B 170 -20.00 -3.44 17.10
C ALA B 170 -21.08 -4.46 16.68
N MET B 171 -21.39 -4.47 15.38
CA MET B 171 -22.55 -5.18 14.84
C MET B 171 -22.21 -6.04 13.60
N ILE B 172 -22.99 -7.10 13.39
CA ILE B 172 -22.93 -7.89 12.17
C ILE B 172 -24.31 -7.97 11.54
N VAL B 173 -24.40 -7.53 10.28
CA VAL B 173 -25.61 -7.60 9.47
C VAL B 173 -25.45 -8.67 8.38
N PHE B 174 -26.28 -9.71 8.42
CA PHE B 174 -26.25 -10.74 7.38
C PHE B 174 -27.19 -10.34 6.24
N ILE B 175 -26.66 -10.24 5.03
CA ILE B 175 -27.48 -9.80 3.90
C ILE B 175 -28.06 -11.05 3.24
N GLY B 176 -29.30 -11.35 3.58
CA GLY B 176 -29.96 -12.54 3.07
C GLY B 176 -30.58 -12.25 1.72
N ALA B 177 -29.73 -12.07 0.71
CA ALA B 177 -30.19 -11.60 -0.60
C ALA B 177 -30.84 -12.74 -1.40
N LEU B 178 -31.72 -13.48 -0.75
CA LEU B 178 -32.49 -14.58 -1.34
C LEU B 178 -33.96 -14.24 -1.22
N PRO B 179 -34.75 -14.52 -2.25
CA PRO B 179 -36.19 -14.44 -2.05
C PRO B 179 -36.67 -15.64 -1.23
N ASN B 180 -37.85 -15.51 -0.63
CA ASN B 180 -38.49 -16.59 0.14
C ASN B 180 -37.64 -17.09 1.30
N VAL B 181 -37.16 -16.16 2.11
CA VAL B 181 -36.56 -16.51 3.39
C VAL B 181 -37.10 -15.56 4.44
N SER B 182 -37.26 -16.10 5.65
CA SER B 182 -37.81 -15.37 6.80
C SER B 182 -36.85 -15.36 7.99
N LYS B 183 -35.92 -16.32 8.02
CA LYS B 183 -35.03 -16.53 9.15
C LYS B 183 -33.57 -16.59 8.72
N PHE B 184 -32.66 -16.39 9.67
CA PHE B 184 -31.24 -16.63 9.44
C PHE B 184 -30.63 -17.50 10.55
N LYS B 185 -29.76 -18.43 10.15
CA LYS B 185 -28.90 -19.17 11.07
C LYS B 185 -27.54 -19.50 10.42
N PRO B 186 -26.49 -19.67 11.23
CA PRO B 186 -25.21 -20.07 10.66
C PRO B 186 -25.22 -21.49 10.13
N TYR B 187 -24.25 -21.81 9.28
CA TYR B 187 -24.13 -23.14 8.69
C TYR B 187 -22.90 -23.80 9.31
N LYS B 188 -23.09 -24.43 10.46
CA LYS B 188 -22.01 -25.07 11.22
C LYS B 188 -21.08 -25.89 10.34
N LYS B 189 -21.66 -26.71 9.46
CA LYS B 189 -20.86 -27.55 8.57
C LYS B 189 -20.00 -26.74 7.58
N GLY B 190 -20.43 -25.52 7.27
CA GLY B 190 -19.66 -24.62 6.42
C GLY B 190 -18.39 -24.17 7.11
N ASP B 191 -18.53 -23.70 8.33
CA ASP B 191 -17.40 -23.44 9.21
C ASP B 191 -17.84 -23.51 10.68
N PRO B 192 -17.49 -24.62 11.36
CA PRO B 192 -17.97 -24.77 12.74
C PRO B 192 -17.37 -23.73 13.69
N LYS B 193 -16.19 -23.23 13.36
CA LYS B 193 -15.57 -22.16 14.13
C LYS B 193 -16.36 -20.85 14.03
N ILE B 194 -16.96 -20.59 12.87
CA ILE B 194 -17.74 -19.37 12.68
C ILE B 194 -18.97 -19.39 13.57
N ALA B 195 -19.64 -20.55 13.63
CA ALA B 195 -20.78 -20.75 14.52
C ALA B 195 -20.38 -20.56 15.99
N GLU B 196 -19.26 -21.19 16.38
CA GLU B 196 -18.68 -21.03 17.72
C GLU B 196 -18.46 -19.55 18.01
N LEU B 197 -17.75 -18.88 17.12
CA LEU B 197 -17.41 -17.46 17.29
C LEU B 197 -18.63 -16.53 17.23
N LEU B 198 -19.72 -16.98 16.62
CA LEU B 198 -20.97 -16.20 16.59
C LEU B 198 -21.74 -16.30 17.91
N LYS B 199 -21.74 -17.48 18.52
CA LYS B 199 -22.29 -17.67 19.87
C LYS B 199 -21.47 -16.85 20.87
N GLU B 200 -20.15 -16.99 20.77
CA GLU B 200 -19.18 -16.20 21.53
C GLU B 200 -19.35 -14.69 21.32
N ALA B 201 -19.76 -14.30 20.12
CA ALA B 201 -19.96 -12.89 19.76
C ALA B 201 -21.20 -12.30 20.43
N LEU B 202 -22.30 -13.04 20.41
CA LEU B 202 -23.54 -12.58 21.05
C LEU B 202 -23.30 -12.24 22.51
N GLU B 203 -22.77 -13.20 23.27
CA GLU B 203 -22.57 -13.04 24.71
C GLU B 203 -21.62 -11.88 25.05
N ALA B 204 -20.58 -11.70 24.23
CA ALA B 204 -19.60 -10.63 24.47
C ALA B 204 -20.14 -9.21 24.18
N GLY B 205 -21.34 -9.12 23.62
CA GLY B 205 -21.99 -7.83 23.38
C GLY B 205 -22.01 -7.38 21.93
N VAL B 206 -22.03 -8.33 21.00
CA VAL B 206 -22.11 -8.01 19.57
C VAL B 206 -23.53 -8.22 19.06
N GLU B 207 -24.08 -7.20 18.41
CA GLU B 207 -25.42 -7.27 17.82
C GLU B 207 -25.39 -8.05 16.49
N ILE B 208 -26.12 -9.15 16.41
CA ILE B 208 -26.26 -9.93 15.19
C ILE B 208 -27.65 -9.73 14.57
N ARG B 209 -27.69 -9.11 13.40
CA ARG B 209 -28.94 -8.91 12.65
C ARG B 209 -28.87 -9.53 11.25
N ALA B 210 -30.02 -9.61 10.60
CA ALA B 210 -30.13 -10.23 9.27
C ALA B 210 -31.29 -9.66 8.47
N LEU B 211 -31.04 -9.37 7.19
CA LEU B 211 -31.99 -8.67 6.31
C LEU B 211 -32.46 -9.53 5.12
N GLY B 212 -33.65 -9.21 4.62
CA GLY B 212 -34.24 -9.94 3.50
C GLY B 212 -34.32 -9.08 2.26
N LEU B 213 -33.82 -9.61 1.14
CA LEU B 213 -33.58 -8.82 -0.07
C LEU B 213 -33.65 -9.70 -1.34
N HIS B 214 -34.17 -9.16 -2.44
CA HIS B 214 -34.11 -9.85 -3.73
C HIS B 214 -34.11 -8.85 -4.88
N MET B 215 -33.94 -9.36 -6.09
CA MET B 215 -34.06 -8.56 -7.30
C MET B 215 -35.16 -9.15 -8.14
N GLU B 216 -35.87 -8.28 -8.83
CA GLU B 216 -36.88 -8.68 -9.81
C GLU B 216 -36.25 -8.73 -11.20
N LEU B 217 -36.93 -9.36 -12.15
CA LEU B 217 -36.45 -9.39 -13.54
C LEU B 217 -36.28 -8.00 -14.12
N SER B 218 -37.04 -7.05 -13.57
CA SER B 218 -36.99 -5.63 -13.98
C SER B 218 -35.68 -4.94 -13.62
N GLY B 219 -34.94 -5.49 -12.66
CA GLY B 219 -33.74 -4.84 -12.16
C GLY B 219 -33.96 -4.22 -10.80
N GLU B 220 -35.20 -4.32 -10.31
CA GLU B 220 -35.60 -3.70 -9.06
C GLU B 220 -35.12 -4.52 -7.89
N ILE B 221 -34.36 -3.88 -7.01
CA ILE B 221 -33.90 -4.47 -5.76
C ILE B 221 -34.91 -4.16 -4.65
N ILE B 222 -35.37 -5.21 -3.98
CA ILE B 222 -36.47 -5.12 -3.04
C ILE B 222 -36.02 -5.52 -1.65
N TYR B 223 -36.21 -4.64 -0.68
CA TYR B 223 -35.98 -4.95 0.75
C TYR B 223 -37.25 -5.53 1.41
N ARG B 224 -37.21 -6.81 1.80
CA ARG B 224 -38.40 -7.48 2.34
C ARG B 224 -38.58 -7.25 3.84
N GLY B 225 -37.51 -6.88 4.54
CA GLY B 225 -37.56 -6.64 5.98
C GLY B 225 -36.50 -7.47 6.68
N GLU B 226 -36.53 -7.47 8.02
CA GLU B 226 -35.55 -8.22 8.80
C GLU B 226 -35.88 -9.72 8.81
N LEU B 227 -34.87 -10.54 9.07
CA LEU B 227 -35.06 -11.98 9.25
C LEU B 227 -34.88 -12.35 10.73
N GLY B 228 -35.59 -13.38 11.17
CA GLY B 228 -35.47 -13.88 12.54
C GLY B 228 -34.14 -14.59 12.74
N VAL B 229 -33.36 -14.13 13.71
CA VAL B 229 -32.00 -14.63 13.91
C VAL B 229 -32.02 -15.80 14.86
N GLU B 230 -31.28 -16.85 14.53
CA GLU B 230 -31.18 -18.03 15.40
C GLU B 230 -29.75 -18.52 15.52
N ILE B 231 -28.97 -17.85 16.39
CA ILE B 231 -27.56 -18.20 16.61
C ILE B 231 -27.42 -19.14 17.80
#